data_7UAC
#
_entry.id   7UAC
#
_cell.length_a   1.00
_cell.length_b   1.00
_cell.length_c   1.00
_cell.angle_alpha   90.00
_cell.angle_beta   90.00
_cell.angle_gamma   90.00
#
_symmetry.space_group_name_H-M   'P 1'
#
loop_
_entity.id
_entity.type
_entity.pdbx_description
1 polymer 'Meprin A subunit alpha'
2 branched 2-acetamido-2-deoxy-beta-D-glucopyranose-(1-4)-2-acetamido-2-deoxy-beta-D-glucopyranose
3 branched beta-D-mannopyranose-(1-4)-2-acetamido-2-deoxy-beta-D-glucopyranose-(1-4)-[alpha-L-fucopyranose-(1-6)]2-acetamido-2-deoxy-beta-D-glucopyranose
4 non-polymer 'CALCIUM ION'
5 non-polymer 'ZINC ION'
#
_entity_poly.entity_id   1
_entity_poly.type   'polypeptide(L)'
_entity_poly.pdbx_seq_one_letter_code
;WSHPQFEKVPIKYLPEENVHDADFGEQKDISEINLAAGLDLFQGDILLQKSRNGLRDPNTRWTFPIPYILADNLGLNAKG
AILYAFEMFRLKSCVDFKPYEGESSYIIFQQFDGCWSEVGDQHVGQNISIGQGCAYKAIIEHEILHALGFYHEQSRTDRD
DYVNIWWDQILSGYQHNFDTYDDSLITDLNTPYDYESLMHYQPFSFNKNASVPTITAKIPEFNSIIGQRLDFSAIDLERL
NRMYNCTTTHTLLDHCTFEKANICGMIQGTRDDTDWAHQDSAQAGEVDHTLLGQCTGAGYFMQFSTSSGSAEEAALLESR
ILYPKRKQQCLQFFYKMTGSPSDRLVVWVRRDDSTGNVRKLVKVQTFQGDDDHNWKIAHVVLKEEQKFRYLFQGTKGDPQ
NSTGGIYLDDITLTETPCPTGVWTVRNFSQVLENTSKGDKLQSPRFYNSEGYGFGVTLYPNSRESSGYLRLAFHVCSGEN
DAILEWPVENRQVIITILDQEPDVRNRMSSSMVFTTSKSHTSPAINDTVIWDRPSRVGTYHTDCNCFRSIDLGWSGFISH
QMLKRRSFLKNDDLIIFVDFEDITHLS
;
_entity_poly.pdbx_strand_id   H
#
loop_
_chem_comp.id
_chem_comp.type
_chem_comp.name
_chem_comp.formula
BMA D-saccharide, beta linking beta-D-mannopyranose 'C6 H12 O6'
CA non-polymer 'CALCIUM ION' 'Ca 2'
FUC L-saccharide, alpha linking alpha-L-fucopyranose 'C6 H12 O5'
NAG D-saccharide, beta linking 2-acetamido-2-deoxy-beta-D-glucopyranose 'C8 H15 N O6'
ZN non-polymer 'ZINC ION' 'Zn 2'
#
# COMPACT_ATOMS: atom_id res chain seq x y z
N ALA A 22 -12.90 -2.93 -19.31
CA ALA A 22 -14.11 -2.24 -18.81
C ALA A 22 -13.77 -1.45 -17.56
N ASP A 23 -14.76 -0.75 -17.01
CA ASP A 23 -14.44 0.15 -15.87
C ASP A 23 -14.84 -0.40 -14.50
N PHE A 24 -15.37 -1.62 -14.36
CA PHE A 24 -15.76 -2.04 -12.99
C PHE A 24 -16.58 -0.89 -12.42
N GLY A 25 -16.09 -0.28 -11.35
CA GLY A 25 -16.84 0.88 -10.85
C GLY A 25 -15.95 2.08 -10.59
N GLU A 26 -16.27 3.25 -11.15
CA GLU A 26 -15.53 4.50 -10.90
C GLU A 26 -15.66 4.83 -9.41
N GLN A 27 -14.56 5.42 -8.81
CA GLN A 27 -14.56 5.67 -7.34
C GLN A 27 -15.55 6.78 -6.93
N LYS A 28 -16.30 6.59 -5.76
CA LYS A 28 -17.24 7.65 -5.32
C LYS A 28 -17.06 7.88 -3.82
N ASP A 29 -17.20 9.14 -3.31
CA ASP A 29 -17.11 9.44 -1.89
C ASP A 29 -18.40 9.10 -1.14
N ILE A 30 -18.31 8.90 0.16
CA ILE A 30 -19.38 8.40 1.03
C ILE A 30 -20.61 9.29 1.01
N SER A 31 -20.41 10.60 0.93
CA SER A 31 -21.47 11.61 0.85
C SER A 31 -22.36 11.36 -0.36
N GLU A 32 -21.80 11.13 -1.54
CA GLU A 32 -22.58 10.80 -2.73
C GLU A 32 -23.25 9.42 -2.63
N ILE A 33 -22.58 8.40 -2.07
CA ILE A 33 -23.16 7.07 -1.87
C ILE A 33 -24.41 7.14 -0.99
N ASN A 34 -24.32 7.76 0.18
CA ASN A 34 -25.43 7.83 1.12
C ASN A 34 -26.56 8.74 0.63
N LEU A 35 -26.24 9.81 -0.10
CA LEU A 35 -27.24 10.64 -0.76
C LEU A 35 -28.03 9.85 -1.82
N ALA A 36 -27.34 9.07 -2.66
CA ALA A 36 -28.00 8.19 -3.63
C ALA A 36 -28.81 7.07 -2.98
N ALA A 37 -28.37 6.54 -1.84
CA ALA A 37 -29.12 5.59 -1.03
C ALA A 37 -30.34 6.19 -0.30
N GLY A 38 -30.45 7.52 -0.23
CA GLY A 38 -31.60 8.22 0.37
C GLY A 38 -31.56 8.35 1.90
N LEU A 39 -30.38 8.22 2.52
CA LEU A 39 -30.19 8.38 3.96
C LEU A 39 -30.17 9.85 4.40
N ASP A 40 -30.43 10.12 5.68
CA ASP A 40 -30.23 11.42 6.34
C ASP A 40 -29.53 11.24 7.70
N LEU A 41 -28.36 10.61 7.66
CA LEU A 41 -27.50 10.40 8.83
C LEU A 41 -26.78 11.68 9.26
N PHE A 42 -26.30 11.73 10.50
CA PHE A 42 -25.49 12.83 11.01
C PHE A 42 -24.14 12.92 10.28
N GLN A 43 -23.77 14.14 9.89
CA GLN A 43 -22.50 14.33 9.12
C GLN A 43 -22.42 13.27 8.02
N GLY A 44 -23.57 12.91 7.42
CA GLY A 44 -23.59 11.96 6.28
C GLY A 44 -23.49 10.49 6.67
N ASP A 45 -22.47 10.08 7.43
CA ASP A 45 -22.28 8.63 7.70
C ASP A 45 -22.36 8.28 9.20
N ILE A 46 -23.01 9.11 10.02
CA ILE A 46 -22.99 8.81 11.49
C ILE A 46 -24.40 8.53 12.02
N LEU A 47 -24.60 7.37 12.65
CA LEU A 47 -25.89 7.05 13.26
C LEU A 47 -25.90 7.47 14.73
N LEU A 48 -26.89 8.29 15.11
CA LEU A 48 -27.15 8.70 16.49
C LEU A 48 -28.44 8.06 17.01
N GLN A 49 -28.37 7.43 18.18
CA GLN A 49 -29.50 6.77 18.87
C GLN A 49 -29.40 6.94 20.38
N ASN A 59 -17.87 5.84 29.35
CA ASN A 59 -16.75 5.72 28.42
C ASN A 59 -17.22 5.57 26.96
N THR A 60 -16.33 5.86 26.02
CA THR A 60 -16.53 5.67 24.57
C THR A 60 -15.35 4.97 23.88
N ARG A 61 -14.32 4.58 24.64
CA ARG A 61 -13.04 4.12 24.13
C ARG A 61 -12.89 2.62 24.28
N TRP A 62 -12.36 2.00 23.22
CA TRP A 62 -12.35 0.51 23.13
C TRP A 62 -11.18 -0.21 23.79
N THR A 63 -11.46 -1.39 24.33
CA THR A 63 -10.43 -2.31 24.82
C THR A 63 -9.97 -3.18 23.66
N PHE A 64 -8.70 -3.15 23.33
CA PHE A 64 -8.15 -3.97 22.25
C PHE A 64 -7.87 -5.40 22.72
N PRO A 65 -8.05 -6.42 21.85
CA PRO A 65 -8.58 -6.33 20.51
C PRO A 65 -10.12 -6.15 20.49
N ILE A 66 -10.62 -5.34 19.56
CA ILE A 66 -12.05 -5.09 19.35
C ILE A 66 -12.69 -6.37 18.80
N PRO A 67 -13.73 -6.93 19.43
CA PRO A 67 -14.41 -8.08 18.90
C PRO A 67 -15.25 -7.73 17.67
N TYR A 68 -15.19 -8.54 16.61
CA TYR A 68 -15.98 -8.35 15.40
C TYR A 68 -16.76 -9.57 14.93
N ILE A 69 -17.89 -9.31 14.29
CA ILE A 69 -18.69 -10.28 13.52
C ILE A 69 -18.80 -9.77 12.09
N LEU A 70 -18.42 -10.57 11.11
CA LEU A 70 -18.72 -10.33 9.71
C LEU A 70 -20.05 -11.01 9.38
N ALA A 71 -21.13 -10.27 9.14
CA ALA A 71 -22.47 -10.82 9.00
C ALA A 71 -22.67 -11.58 7.69
N ASP A 72 -23.65 -12.49 7.67
CA ASP A 72 -23.92 -13.35 6.51
C ASP A 72 -24.27 -12.55 5.25
N ASN A 73 -24.97 -11.42 5.39
CA ASN A 73 -25.42 -10.60 4.26
C ASN A 73 -24.27 -9.80 3.61
N LEU A 74 -23.16 -9.62 4.30
CA LEU A 74 -22.00 -8.88 3.84
C LEU A 74 -21.30 -9.66 2.71
N GLY A 75 -21.19 -9.07 1.53
CA GLY A 75 -20.66 -9.76 0.35
C GLY A 75 -19.19 -10.18 0.48
N LEU A 76 -18.77 -11.15 -0.31
CA LEU A 76 -17.45 -11.78 -0.18
C LEU A 76 -16.31 -10.77 -0.34
N ASN A 77 -16.39 -9.89 -1.33
CA ASN A 77 -15.44 -8.81 -1.56
C ASN A 77 -15.31 -7.89 -0.35
N ALA A 78 -16.43 -7.51 0.26
CA ALA A 78 -16.49 -6.65 1.42
C ALA A 78 -15.82 -7.30 2.64
N LYS A 79 -16.07 -8.60 2.92
CA LYS A 79 -15.37 -9.32 3.99
C LYS A 79 -13.86 -9.24 3.82
N GLY A 80 -13.37 -9.58 2.63
CA GLY A 80 -11.93 -9.52 2.35
C GLY A 80 -11.35 -8.11 2.48
N ALA A 81 -12.09 -7.10 2.05
CA ALA A 81 -11.66 -5.71 2.15
C ALA A 81 -11.66 -5.21 3.60
N ILE A 82 -12.59 -5.64 4.44
CA ILE A 82 -12.58 -5.30 5.87
C ILE A 82 -11.38 -5.94 6.55
N LEU A 83 -11.10 -7.22 6.30
CA LEU A 83 -9.90 -7.84 6.83
C LEU A 83 -8.63 -7.16 6.32
N TYR A 84 -8.57 -6.72 5.06
CA TYR A 84 -7.45 -5.94 4.56
C TYR A 84 -7.32 -4.57 5.24
N ALA A 85 -8.42 -3.89 5.56
CA ALA A 85 -8.38 -2.67 6.36
C ALA A 85 -7.84 -2.94 7.78
N PHE A 86 -8.24 -4.02 8.44
CA PHE A 86 -7.68 -4.37 9.75
C PHE A 86 -6.17 -4.59 9.70
N GLU A 87 -5.64 -5.17 8.62
CA GLU A 87 -4.20 -5.28 8.44
C GLU A 87 -3.52 -3.91 8.39
N MET A 88 -4.12 -2.92 7.74
CA MET A 88 -3.57 -1.57 7.70
C MET A 88 -3.52 -0.95 9.08
N PHE A 89 -4.54 -1.14 9.91
CA PHE A 89 -4.53 -0.71 11.29
C PHE A 89 -3.38 -1.36 12.07
N ARG A 90 -3.20 -2.68 11.97
CA ARG A 90 -2.11 -3.40 12.70
C ARG A 90 -0.72 -3.04 12.15
N LEU A 91 -0.63 -2.44 10.97
CA LEU A 91 0.62 -2.06 10.29
C LEU A 91 0.98 -0.59 10.47
N LYS A 92 0.10 0.20 11.08
CA LYS A 92 0.30 1.64 11.30
C LYS A 92 -0.06 2.10 12.71
N SER A 93 -0.66 1.25 13.53
CA SER A 93 -1.19 1.59 14.85
C SER A 93 -1.17 0.37 15.78
N CYS A 94 -1.48 0.58 17.07
CA CYS A 94 -1.69 -0.51 18.01
C CYS A 94 -3.14 -0.99 18.08
N VAL A 95 -4.04 -0.52 17.20
CA VAL A 95 -5.41 -1.03 17.11
C VAL A 95 -5.40 -2.48 16.64
N ASP A 96 -6.22 -3.33 17.26
CA ASP A 96 -6.33 -4.74 16.91
C ASP A 96 -7.78 -5.21 17.04
N PHE A 97 -8.11 -6.27 16.33
CA PHE A 97 -9.45 -6.81 16.15
C PHE A 97 -9.41 -8.33 16.31
N LYS A 98 -10.39 -8.95 16.97
CA LYS A 98 -10.52 -10.42 17.05
C LYS A 98 -11.92 -10.91 16.68
N PRO A 99 -12.09 -12.12 16.14
CA PRO A 99 -13.40 -12.69 15.95
C PRO A 99 -14.16 -12.83 17.26
N TYR A 100 -15.48 -12.72 17.23
CA TYR A 100 -16.34 -12.73 18.41
C TYR A 100 -16.39 -14.09 19.13
N GLU A 101 -16.51 -14.06 20.45
CA GLU A 101 -16.47 -15.22 21.35
C GLU A 101 -17.47 -15.10 22.52
N GLY A 102 -18.47 -14.22 22.43
CA GLY A 102 -19.39 -13.90 23.53
C GLY A 102 -19.00 -12.69 24.40
N GLU A 103 -18.21 -11.76 23.85
CA GLU A 103 -17.81 -10.51 24.51
C GLU A 103 -18.96 -9.51 24.63
N SER A 104 -18.88 -8.55 25.55
CA SER A 104 -19.96 -7.59 25.81
C SER A 104 -20.15 -6.59 24.67
N SER A 105 -19.10 -5.87 24.28
CA SER A 105 -19.11 -4.88 23.20
C SER A 105 -18.37 -5.39 21.97
N TYR A 106 -18.93 -5.16 20.78
CA TYR A 106 -18.45 -5.69 19.52
C TYR A 106 -18.96 -4.89 18.33
N ILE A 107 -18.30 -5.02 17.18
CA ILE A 107 -18.72 -4.41 15.91
C ILE A 107 -19.19 -5.49 14.96
N ILE A 108 -20.43 -5.37 14.48
CA ILE A 108 -20.98 -6.27 13.48
C ILE A 108 -21.04 -5.53 12.14
N PHE A 109 -20.40 -6.10 11.13
CA PHE A 109 -20.32 -5.52 9.80
C PHE A 109 -21.38 -6.15 8.92
N GLN A 110 -22.20 -5.32 8.26
CA GLN A 110 -23.37 -5.74 7.48
C GLN A 110 -23.47 -4.96 6.17
N GLN A 111 -24.22 -5.45 5.19
CA GLN A 111 -24.47 -4.78 3.92
C GLN A 111 -25.91 -4.24 3.88
N PHE A 112 -26.18 -3.26 4.74
CA PHE A 112 -27.37 -2.41 4.66
C PHE A 112 -27.18 -1.29 3.62
N ASP A 113 -28.13 -0.36 3.55
CA ASP A 113 -28.03 0.82 2.71
C ASP A 113 -26.89 1.75 3.16
N GLY A 114 -26.09 2.22 2.21
CA GLY A 114 -25.02 3.19 2.41
C GLY A 114 -23.85 2.71 3.27
N CYS A 115 -22.91 3.62 3.51
CA CYS A 115 -21.76 3.44 4.37
C CYS A 115 -22.01 4.20 5.67
N TRP A 116 -21.99 3.54 6.81
CA TRP A 116 -22.12 4.24 8.10
C TRP A 116 -21.60 3.43 9.27
N SER A 117 -21.39 4.13 10.38
CA SER A 117 -20.81 3.64 11.62
C SER A 117 -21.41 4.39 12.81
N GLU A 118 -21.47 3.77 13.98
CA GLU A 118 -21.89 4.44 15.23
C GLU A 118 -20.63 4.88 15.99
N VAL A 119 -20.50 6.19 16.29
CA VAL A 119 -19.24 6.73 16.82
C VAL A 119 -18.95 6.30 18.25
N GLY A 120 -17.78 5.72 18.49
CA GLY A 120 -17.35 5.25 19.82
C GLY A 120 -18.02 3.95 20.29
N ASP A 121 -17.45 3.34 21.32
CA ASP A 121 -17.96 2.08 21.88
C ASP A 121 -19.33 2.42 22.41
N GLN A 122 -20.30 1.54 22.23
CA GLN A 122 -21.68 1.86 22.66
C GLN A 122 -21.96 0.87 23.77
N HIS A 123 -21.02 -0.02 24.02
CA HIS A 123 -21.09 -0.95 25.16
C HIS A 123 -21.99 -2.18 24.98
N VAL A 124 -22.90 -2.15 24.00
CA VAL A 124 -23.84 -3.29 23.76
C VAL A 124 -23.63 -3.75 22.32
N GLY A 125 -22.56 -3.30 21.69
CA GLY A 125 -22.30 -3.63 20.28
C GLY A 125 -22.78 -2.52 19.35
N GLN A 126 -22.21 -2.43 18.15
CA GLN A 126 -22.62 -1.39 17.17
C GLN A 126 -22.55 -1.97 15.75
N ASN A 127 -23.27 -1.37 14.81
CA ASN A 127 -23.31 -1.90 13.43
C ASN A 127 -22.51 -0.98 12.52
N ILE A 128 -21.63 -1.53 11.66
CA ILE A 128 -20.96 -0.71 10.62
C ILE A 128 -21.49 -1.18 9.27
N SER A 129 -22.03 -0.26 8.46
CA SER A 129 -22.65 -0.67 7.17
C SER A 129 -21.70 -0.44 6.00
N ILE A 130 -21.40 -1.49 5.24
CA ILE A 130 -20.59 -1.36 4.03
C ILE A 130 -21.47 -1.78 2.85
N GLY A 131 -22.06 -0.81 2.16
CA GLY A 131 -23.00 -1.01 1.07
C GLY A 131 -22.36 -1.30 -0.30
N GLN A 132 -23.18 -1.35 -1.35
CA GLN A 132 -22.68 -1.46 -2.72
C GLN A 132 -21.89 -0.20 -3.10
N GLY A 133 -20.72 -0.39 -3.73
CA GLY A 133 -19.77 0.68 -4.06
C GLY A 133 -18.96 1.22 -2.87
N CYS A 134 -19.18 0.62 -1.69
CA CYS A 134 -18.53 1.09 -0.43
C CYS A 134 -17.33 0.20 -0.11
N ALA A 135 -17.05 -0.81 -0.93
CA ALA A 135 -15.96 -1.76 -0.60
C ALA A 135 -14.61 -1.20 -1.06
N TYR A 136 -14.09 -0.20 -0.33
CA TYR A 136 -12.77 0.40 -0.67
C TYR A 136 -11.97 0.63 0.62
N LYS A 137 -10.66 0.38 0.59
CA LYS A 137 -9.83 0.49 1.80
C LYS A 137 -10.06 1.79 2.56
N ALA A 138 -9.99 2.91 1.87
CA ALA A 138 -10.10 4.23 2.46
C ALA A 138 -11.48 4.50 3.08
N ILE A 139 -12.55 4.02 2.45
CA ILE A 139 -13.91 4.12 2.97
C ILE A 139 -14.07 3.25 4.21
N ILE A 140 -13.58 2.02 4.19
CA ILE A 140 -13.67 1.14 5.36
C ILE A 140 -12.84 1.69 6.52
N GLU A 141 -11.63 2.20 6.25
CA GLU A 141 -10.79 2.86 7.23
C GLU A 141 -11.51 4.05 7.85
N HIS A 142 -12.19 4.82 7.00
CA HIS A 142 -12.98 5.98 7.49
C HIS A 142 -14.08 5.51 8.47
N GLU A 143 -14.86 4.47 8.11
CA GLU A 143 -15.91 3.95 8.98
C GLU A 143 -15.40 3.36 10.28
N ILE A 144 -14.26 2.68 10.25
CA ILE A 144 -13.64 2.15 11.47
C ILE A 144 -13.13 3.30 12.34
N LEU A 145 -12.60 4.37 11.76
CA LEU A 145 -12.20 5.55 12.53
C LEU A 145 -13.40 6.22 13.22
N HIS A 146 -14.60 6.11 12.63
CA HIS A 146 -15.79 6.62 13.36
C HIS A 146 -16.01 5.72 14.60
N ALA A 147 -15.94 4.41 14.43
CA ALA A 147 -16.15 3.47 15.56
C ALA A 147 -15.14 3.72 16.66
N LEU A 148 -13.93 4.16 16.27
CA LEU A 148 -12.88 4.50 17.27
C LEU A 148 -13.20 5.83 17.96
N GLY A 149 -14.27 6.52 17.55
CA GLY A 149 -14.68 7.77 18.21
C GLY A 149 -14.27 9.07 17.52
N PHE A 150 -13.75 9.00 16.28
CA PHE A 150 -13.39 10.23 15.53
C PHE A 150 -14.61 10.83 14.79
N TYR A 151 -14.54 12.12 14.41
CA TYR A 151 -15.62 12.75 13.63
C TYR A 151 -14.95 13.52 12.49
N HIS A 152 -15.72 13.95 11.49
CA HIS A 152 -15.13 14.64 10.32
C HIS A 152 -14.37 15.90 10.74
N GLU A 153 -13.38 16.33 9.96
CA GLU A 153 -12.51 17.46 10.29
C GLU A 153 -13.16 18.84 10.07
N GLN A 154 -14.06 19.00 9.14
CA GLN A 154 -14.66 20.30 8.79
C GLN A 154 -15.74 20.60 9.83
N SER A 155 -15.89 19.74 10.80
CA SER A 155 -16.91 19.92 11.83
C SER A 155 -16.27 20.30 13.14
N ARG A 156 -14.98 20.60 13.13
CA ARG A 156 -14.26 21.05 14.33
C ARG A 156 -14.61 22.51 14.53
N THR A 157 -14.79 22.97 15.77
CA THR A 157 -15.18 24.35 16.05
C THR A 157 -14.25 25.39 15.42
N ASP A 158 -12.97 25.05 15.21
CA ASP A 158 -11.98 25.93 14.59
C ASP A 158 -12.01 25.92 13.05
N ARG A 159 -12.88 25.12 12.45
CA ARG A 159 -12.94 24.95 10.96
C ARG A 159 -12.90 26.27 10.18
N ASP A 160 -13.71 27.26 10.54
CA ASP A 160 -13.85 28.50 9.78
C ASP A 160 -12.52 29.23 9.57
N ASP A 161 -11.50 28.95 10.36
CA ASP A 161 -10.16 29.52 10.20
C ASP A 161 -9.39 28.85 9.05
N TYR A 162 -9.77 27.65 8.62
CA TYR A 162 -9.01 26.81 7.70
C TYR A 162 -9.70 26.54 6.36
N VAL A 163 -11.03 26.50 6.30
CA VAL A 163 -11.79 26.27 5.06
C VAL A 163 -13.00 27.19 4.92
N ASN A 164 -13.41 27.47 3.70
CA ASN A 164 -14.64 28.19 3.37
C ASN A 164 -15.76 27.19 3.09
N ILE A 165 -16.94 27.39 3.66
CA ILE A 165 -18.14 26.64 3.31
C ILE A 165 -19.05 27.54 2.50
N TRP A 166 -19.32 27.17 1.26
CA TRP A 166 -20.10 27.94 0.30
C TRP A 166 -21.58 27.57 0.38
N TRP A 167 -22.31 28.17 1.31
CA TRP A 167 -23.69 27.80 1.62
C TRP A 167 -24.62 27.86 0.41
N ASP A 168 -24.41 28.83 -0.48
CA ASP A 168 -25.18 29.03 -1.69
C ASP A 168 -25.04 27.87 -2.70
N GLN A 169 -24.02 27.02 -2.56
CA GLN A 169 -23.78 25.86 -3.42
C GLN A 169 -24.28 24.53 -2.84
N ILE A 170 -24.73 24.47 -1.59
CA ILE A 170 -25.21 23.23 -0.95
C ILE A 170 -26.63 22.91 -1.41
N LEU A 171 -26.94 21.62 -1.62
CA LEU A 171 -28.30 21.14 -1.88
C LEU A 171 -29.25 21.49 -0.74
N SER A 172 -30.43 22.01 -1.07
CA SER A 172 -31.41 22.39 -0.06
C SER A 172 -31.82 21.19 0.80
N GLY A 173 -31.82 21.39 2.11
CA GLY A 173 -32.10 20.37 3.11
C GLY A 173 -30.84 19.72 3.69
N TYR A 174 -29.69 19.82 3.04
CA TYR A 174 -28.43 19.21 3.47
C TYR A 174 -27.48 20.16 4.20
N GLN A 175 -27.88 21.41 4.45
CA GLN A 175 -27.05 22.40 5.15
C GLN A 175 -26.58 21.94 6.54
N HIS A 176 -27.38 21.17 7.28
CA HIS A 176 -26.98 20.63 8.59
C HIS A 176 -25.73 19.75 8.54
N ASN A 177 -25.38 19.15 7.40
CA ASN A 177 -24.18 18.32 7.27
C ASN A 177 -22.86 19.12 7.35
N PHE A 178 -22.93 20.44 7.39
CA PHE A 178 -21.79 21.34 7.52
C PHE A 178 -21.71 22.06 8.86
N ASP A 179 -22.60 21.75 9.81
CA ASP A 179 -22.56 22.33 11.16
C ASP A 179 -21.35 21.85 11.96
N THR A 180 -20.83 22.69 12.85
CA THR A 180 -19.76 22.34 13.80
C THR A 180 -20.33 21.62 15.03
N TYR A 181 -19.64 20.60 15.54
CA TYR A 181 -20.11 19.77 16.66
C TYR A 181 -19.42 20.07 17.98
N THR A 187 -11.49 14.48 20.69
CA THR A 187 -11.48 15.83 21.26
C THR A 187 -10.31 16.02 22.25
N ASP A 188 -9.77 17.24 22.35
CA ASP A 188 -8.62 17.60 23.20
C ASP A 188 -7.31 16.81 22.95
N LEU A 189 -7.16 16.19 21.77
CA LEU A 189 -5.91 15.52 21.36
C LEU A 189 -4.82 16.51 20.91
N ASN A 190 -5.10 17.82 20.90
CA ASN A 190 -4.15 18.93 20.75
C ASN A 190 -3.32 18.87 19.45
N THR A 191 -4.01 18.91 18.30
CA THR A 191 -3.42 18.84 16.96
C THR A 191 -4.02 19.88 16.01
N PRO A 192 -3.25 20.37 15.03
CA PRO A 192 -3.73 21.32 14.04
C PRO A 192 -4.83 20.75 13.14
N TYR A 193 -5.47 21.60 12.34
CA TYR A 193 -6.48 21.21 11.37
C TYR A 193 -5.84 20.48 10.19
N ASP A 194 -6.27 19.25 9.91
CA ASP A 194 -5.63 18.39 8.92
C ASP A 194 -6.34 18.34 7.56
N TYR A 195 -5.86 19.14 6.62
CA TYR A 195 -6.33 19.12 5.24
C TYR A 195 -6.13 17.76 4.54
N GLU A 196 -5.14 16.98 4.93
CA GLU A 196 -4.85 15.67 4.36
C GLU A 196 -5.66 14.57 5.04
N SER A 197 -6.53 14.86 5.99
CA SER A 197 -7.18 13.83 6.79
C SER A 197 -8.08 12.93 5.97
N LEU A 198 -8.07 11.63 6.25
CA LEU A 198 -9.02 10.67 5.73
C LEU A 198 -10.47 11.01 6.15
N MET A 199 -10.67 11.83 7.16
CA MET A 199 -11.99 12.22 7.64
C MET A 199 -12.60 13.43 6.94
N HIS A 200 -11.81 14.26 6.28
CA HIS A 200 -12.27 15.49 5.64
C HIS A 200 -13.17 15.21 4.42
N TYR A 201 -14.12 16.13 4.21
CA TYR A 201 -15.01 16.04 3.03
C TYR A 201 -14.30 16.58 1.79
N GLN A 202 -14.68 16.10 0.60
CA GLN A 202 -14.16 16.55 -0.69
C GLN A 202 -14.75 17.91 -1.08
N PRO A 203 -14.12 18.68 -1.99
CA PRO A 203 -14.64 19.96 -2.45
C PRO A 203 -16.05 19.86 -3.03
N PHE A 204 -16.37 18.74 -3.66
CA PHE A 204 -17.67 18.46 -4.24
C PHE A 204 -18.48 17.54 -3.32
N SER A 205 -18.89 18.07 -2.16
CA SER A 205 -19.79 17.38 -1.23
C SER A 205 -21.14 18.08 -1.18
N PHE A 206 -22.24 17.37 -1.43
CA PHE A 206 -23.60 17.90 -1.41
C PHE A 206 -23.84 19.14 -2.30
N ASN A 207 -23.20 19.22 -3.47
CA ASN A 207 -23.33 20.34 -4.41
C ASN A 207 -24.66 20.38 -5.16
N LYS A 208 -25.18 21.58 -5.44
CA LYS A 208 -26.26 21.77 -6.40
C LYS A 208 -25.80 21.83 -7.86
N ASN A 209 -24.49 22.07 -8.06
CA ASN A 209 -23.89 22.14 -9.42
C ASN A 209 -22.59 21.33 -9.37
N ALA A 210 -22.35 20.48 -10.36
CA ALA A 210 -21.21 19.57 -10.38
C ALA A 210 -19.85 20.25 -10.57
N SER A 211 -19.81 21.49 -11.04
CA SER A 211 -18.58 22.23 -11.36
C SER A 211 -18.08 23.17 -10.26
N VAL A 212 -18.92 23.54 -9.29
CA VAL A 212 -18.60 24.53 -8.26
C VAL A 212 -18.49 23.87 -6.88
N PRO A 213 -17.36 23.95 -6.17
CA PRO A 213 -17.16 23.30 -4.89
C PRO A 213 -17.95 23.94 -3.74
N THR A 214 -18.41 23.12 -2.80
CA THR A 214 -19.02 23.53 -1.52
C THR A 214 -17.98 23.77 -0.43
N ILE A 215 -16.76 23.26 -0.57
CA ILE A 215 -15.63 23.49 0.34
C ILE A 215 -14.41 23.95 -0.45
N THR A 216 -13.72 24.99 0.00
CA THR A 216 -12.39 25.36 -0.50
C THR A 216 -11.45 25.67 0.66
N ALA A 217 -10.17 25.32 0.55
CA ALA A 217 -9.15 25.58 1.55
C ALA A 217 -8.69 27.04 1.54
N LYS A 218 -8.48 27.64 2.71
CA LYS A 218 -7.93 29.01 2.84
C LYS A 218 -6.44 29.11 2.47
N ILE A 219 -5.73 27.98 2.42
CA ILE A 219 -4.38 27.86 1.86
C ILE A 219 -4.51 27.19 0.47
N PRO A 220 -4.31 27.90 -0.66
CA PRO A 220 -4.82 27.49 -1.96
C PRO A 220 -4.36 26.14 -2.50
N GLU A 221 -3.14 25.71 -2.21
CA GLU A 221 -2.58 24.44 -2.68
C GLU A 221 -3.46 23.25 -2.30
N PHE A 222 -4.09 23.33 -1.14
CA PHE A 222 -4.86 22.25 -0.57
C PHE A 222 -6.22 22.02 -1.22
N ASN A 223 -6.70 22.87 -2.14
CA ASN A 223 -7.90 22.56 -2.92
C ASN A 223 -7.74 21.27 -3.74
N SER A 224 -6.50 20.95 -4.13
CA SER A 224 -6.16 19.70 -4.82
C SER A 224 -6.01 18.49 -3.88
N ILE A 225 -5.95 18.71 -2.56
CA ILE A 225 -5.61 17.70 -1.53
C ILE A 225 -6.80 17.34 -0.64
N ILE A 226 -7.66 18.31 -0.28
CA ILE A 226 -8.70 18.06 0.70
C ILE A 226 -9.65 16.95 0.26
N GLY A 227 -9.97 16.06 1.19
CA GLY A 227 -10.84 14.92 0.94
C GLY A 227 -10.18 13.73 0.25
N GLN A 228 -8.87 13.57 0.39
CA GLN A 228 -8.13 12.41 -0.11
C GLN A 228 -8.70 11.07 0.39
N ARG A 229 -8.55 10.04 -0.47
CA ARG A 229 -9.04 8.66 -0.15
C ARG A 229 -7.92 7.64 -0.43
N LEU A 230 -6.66 7.97 -0.13
CA LEU A 230 -5.49 7.10 -0.22
C LEU A 230 -5.36 6.21 1.02
N ASP A 231 -5.24 6.85 2.18
CA ASP A 231 -4.74 6.24 3.42
C ASP A 231 -5.03 7.15 4.61
N PHE A 232 -4.65 6.74 5.82
CA PHE A 232 -4.55 7.65 6.95
C PHE A 232 -3.50 8.72 6.67
N SER A 233 -3.76 9.96 7.05
CA SER A 233 -2.73 10.99 7.09
C SER A 233 -1.74 10.75 8.23
N ALA A 234 -0.66 11.53 8.30
CA ALA A 234 0.23 11.52 9.45
C ALA A 234 -0.46 11.96 10.75
N ILE A 235 -1.26 13.03 10.69
CA ILE A 235 -2.02 13.54 11.85
C ILE A 235 -3.13 12.57 12.25
N ASP A 236 -3.77 11.86 11.32
CA ASP A 236 -4.74 10.82 11.62
C ASP A 236 -4.12 9.75 12.53
N LEU A 237 -2.93 9.28 12.19
CA LEU A 237 -2.18 8.33 13.02
C LEU A 237 -1.71 8.92 14.34
N GLU A 238 -1.21 10.16 14.38
CA GLU A 238 -0.82 10.81 15.63
C GLU A 238 -2.00 10.96 16.62
N ARG A 239 -3.18 11.35 16.13
CA ARG A 239 -4.40 11.41 16.95
C ARG A 239 -4.81 10.03 17.43
N LEU A 240 -4.79 9.03 16.56
CA LEU A 240 -5.15 7.67 16.93
C LEU A 240 -4.22 7.13 18.01
N ASN A 241 -2.94 7.39 17.89
CA ASN A 241 -1.94 7.00 18.88
C ASN A 241 -2.14 7.73 20.21
N ARG A 242 -2.36 9.04 20.24
CA ARG A 242 -2.67 9.79 21.47
C ARG A 242 -3.95 9.33 22.13
N MET A 243 -4.96 8.95 21.36
CA MET A 243 -6.25 8.49 21.86
C MET A 243 -6.18 7.10 22.52
N TYR A 244 -5.30 6.21 22.04
CA TYR A 244 -5.20 4.83 22.52
C TYR A 244 -3.84 4.42 23.11
N ASN A 245 -3.00 5.38 23.48
CA ASN A 245 -1.71 5.14 24.13
C ASN A 245 -0.75 4.25 23.32
N CYS A 246 -0.83 4.28 21.99
CA CYS A 246 0.03 3.50 21.11
C CYS A 246 1.39 4.17 20.93
N THR A 247 2.46 3.38 21.00
CA THR A 247 3.84 3.80 20.70
C THR A 247 4.57 2.83 19.78
N THR A 248 3.91 1.75 19.36
CA THR A 248 4.43 0.67 18.52
C THR A 248 3.33 0.20 17.54
N THR A 249 3.68 -0.72 16.66
CA THR A 249 2.82 -1.27 15.60
C THR A 249 2.90 -2.78 15.62
N HIS A 250 1.78 -3.49 15.52
CA HIS A 250 1.74 -4.96 15.64
C HIS A 250 2.55 -5.71 14.59
N THR A 251 2.75 -5.13 13.40
CA THR A 251 3.28 -5.83 12.23
C THR A 251 4.44 -5.13 11.51
N LEU A 252 5.12 -4.19 12.16
CA LEU A 252 6.40 -3.63 11.69
C LEU A 252 7.54 -4.11 12.58
N LEU A 253 8.52 -4.83 12.03
CA LEU A 253 9.70 -5.29 12.79
C LEU A 253 10.88 -4.35 12.65
N ASP A 254 11.19 -3.91 11.43
CA ASP A 254 12.42 -3.16 11.16
C ASP A 254 12.28 -2.24 9.94
N HIS A 255 13.07 -1.19 9.90
CA HIS A 255 13.35 -0.41 8.71
C HIS A 255 14.71 0.26 8.82
N CYS A 256 15.34 0.58 7.70
CA CYS A 256 16.66 1.19 7.71
C CYS A 256 16.99 1.98 6.45
N THR A 257 17.20 3.28 6.61
CA THR A 257 17.63 4.23 5.59
C THR A 257 19.14 4.49 5.62
N PHE A 258 19.86 3.86 6.55
CA PHE A 258 21.28 4.03 6.83
C PHE A 258 21.72 5.47 7.14
N GLU A 259 20.82 6.37 7.50
CA GLU A 259 21.18 7.78 7.65
C GLU A 259 21.90 8.11 8.95
N LYS A 260 21.72 7.33 10.02
CA LYS A 260 22.48 7.48 11.27
C LYS A 260 23.78 6.68 11.26
N ALA A 261 24.73 7.10 12.09
CA ALA A 261 26.10 6.58 12.09
C ALA A 261 26.21 5.13 12.56
N ASN A 262 25.30 4.73 13.46
CA ASN A 262 25.28 3.34 13.99
C ASN A 262 24.58 2.36 13.03
N ILE A 263 24.09 2.82 11.87
CA ILE A 263 23.48 1.93 10.80
C ILE A 263 22.37 0.99 11.29
N CYS A 264 21.37 1.48 12.03
CA CYS A 264 20.19 0.65 12.44
C CYS A 264 20.59 -0.67 13.10
N GLY A 265 21.57 -0.63 14.01
CA GLY A 265 22.01 -1.80 14.77
C GLY A 265 22.55 -2.95 13.92
N MET A 266 22.72 -2.77 12.61
CA MET A 266 23.37 -3.76 11.75
C MET A 266 24.87 -3.83 12.03
N ILE A 267 25.45 -5.01 11.90
CA ILE A 267 26.82 -5.33 12.27
C ILE A 267 27.49 -6.14 11.18
N GLN A 268 28.82 -6.12 11.13
CA GLN A 268 29.60 -6.80 10.12
C GLN A 268 30.44 -7.92 10.73
N GLY A 269 30.24 -9.15 10.25
CA GLY A 269 30.96 -10.32 10.72
C GLY A 269 32.43 -10.37 10.31
N THR A 270 33.12 -11.45 10.72
CA THR A 270 34.53 -11.72 10.42
C THR A 270 34.79 -13.09 9.79
N ARG A 271 33.77 -13.96 9.64
CA ARG A 271 33.81 -15.16 8.79
C ARG A 271 33.55 -14.81 7.31
N ASP A 272 34.15 -13.73 6.84
CA ASP A 272 34.06 -13.16 5.48
C ASP A 272 35.40 -12.51 5.08
N ASP A 273 35.54 -12.12 3.81
CA ASP A 273 36.80 -11.60 3.26
C ASP A 273 37.01 -10.09 3.42
N THR A 274 35.95 -9.30 3.41
CA THR A 274 36.01 -7.83 3.46
C THR A 274 34.77 -7.22 4.12
N ASP A 275 34.51 -5.92 3.96
CA ASP A 275 33.46 -5.15 4.62
C ASP A 275 32.68 -4.27 3.65
N TRP A 276 31.41 -4.03 4.05
CA TRP A 276 30.55 -3.09 3.30
C TRP A 276 30.83 -1.68 3.80
N ALA A 277 31.14 -0.74 2.90
CA ALA A 277 31.39 0.66 3.21
C ALA A 277 30.09 1.44 3.38
N HIS A 278 30.07 2.44 4.26
CA HIS A 278 28.96 3.35 4.47
C HIS A 278 29.20 4.67 3.72
N GLN A 279 28.90 4.70 2.42
CA GLN A 279 29.15 5.86 1.56
C GLN A 279 28.04 6.90 1.69
N ASP A 280 28.31 8.12 1.25
CA ASP A 280 27.68 9.35 1.74
C ASP A 280 27.09 10.28 0.64
N SER A 281 26.94 9.78 -0.59
CA SER A 281 26.51 10.58 -1.76
C SER A 281 27.43 11.72 -2.19
N ALA A 282 28.65 11.84 -1.66
CA ALA A 282 29.56 12.93 -2.02
C ALA A 282 30.22 12.76 -3.39
N GLN A 283 30.57 11.53 -3.76
CA GLN A 283 31.24 11.26 -5.04
C GLN A 283 30.33 11.54 -6.23
N ALA A 284 30.84 12.24 -7.24
CA ALA A 284 30.07 12.61 -8.42
C ALA A 284 29.46 11.38 -9.12
N GLY A 285 28.17 11.44 -9.45
CA GLY A 285 27.44 10.37 -10.12
C GLY A 285 26.93 9.24 -9.20
N GLU A 286 27.22 9.26 -7.90
CA GLU A 286 26.64 8.33 -6.93
C GLU A 286 25.70 9.05 -5.95
N VAL A 287 24.44 8.62 -5.88
CA VAL A 287 23.43 9.18 -4.98
C VAL A 287 22.65 8.09 -4.26
N ASP A 288 22.45 8.31 -2.97
CA ASP A 288 21.65 7.48 -2.09
C ASP A 288 20.17 7.44 -2.46
N HIS A 289 19.50 6.29 -2.38
CA HIS A 289 18.08 6.22 -2.69
C HIS A 289 17.20 7.08 -1.76
N THR A 290 17.49 7.20 -0.45
CA THR A 290 16.65 7.94 0.48
C THR A 290 16.45 9.38 0.03
N LEU A 291 17.48 10.06 -0.48
CA LEU A 291 17.46 11.51 -0.77
C LEU A 291 17.77 11.87 -2.23
N LEU A 292 18.39 10.98 -3.01
CA LEU A 292 18.71 11.16 -4.43
C LEU A 292 19.46 12.47 -4.75
N GLY A 293 20.36 12.90 -3.86
CA GLY A 293 21.19 14.10 -4.04
C GLY A 293 20.53 15.42 -3.68
N GLN A 294 19.33 15.41 -3.09
CA GLN A 294 18.61 16.63 -2.68
C GLN A 294 19.28 17.39 -1.52
N CYS A 295 20.14 16.74 -0.75
CA CYS A 295 20.84 17.33 0.40
C CYS A 295 22.34 17.00 0.37
N THR A 296 23.19 17.98 0.68
CA THR A 296 24.64 17.81 0.83
C THR A 296 24.98 17.13 2.16
N GLY A 297 25.99 16.26 2.17
CA GLY A 297 26.47 15.54 3.35
C GLY A 297 25.58 14.36 3.79
N ALA A 298 24.27 14.56 3.86
CA ALA A 298 23.29 13.51 4.11
C ALA A 298 23.13 12.56 2.92
N GLY A 299 22.40 11.44 3.09
CA GLY A 299 22.14 10.48 2.04
C GLY A 299 23.21 9.42 2.01
N TYR A 300 23.03 8.37 2.81
CA TYR A 300 23.99 7.31 3.01
C TYR A 300 23.44 5.96 2.60
N PHE A 301 24.25 5.17 1.91
CA PHE A 301 23.96 3.83 1.45
C PHE A 301 25.11 2.89 1.83
N MET A 302 24.82 1.60 1.94
CA MET A 302 25.86 0.61 2.06
C MET A 302 26.36 0.23 0.69
N GLN A 303 27.67 0.09 0.52
CA GLN A 303 28.33 -0.26 -0.72
C GLN A 303 29.29 -1.41 -0.51
N PHE A 304 29.29 -2.38 -1.42
CA PHE A 304 30.33 -3.37 -1.55
C PHE A 304 30.94 -3.26 -2.94
N SER A 305 32.20 -2.85 -3.04
CA SER A 305 32.89 -2.69 -4.33
C SER A 305 33.37 -4.02 -4.89
N THR A 306 33.37 -4.15 -6.22
CA THR A 306 33.66 -5.40 -6.94
C THR A 306 34.73 -5.25 -8.02
N SER A 307 35.34 -4.09 -8.17
CA SER A 307 36.30 -3.78 -9.26
C SER A 307 37.75 -4.18 -8.99
N SER A 308 38.06 -4.85 -7.87
CA SER A 308 39.41 -5.22 -7.45
C SER A 308 39.42 -6.47 -6.56
N GLY A 309 40.57 -7.13 -6.42
CA GLY A 309 40.74 -8.34 -5.63
C GLY A 309 40.54 -9.63 -6.42
N SER A 310 40.01 -10.68 -5.78
CA SER A 310 39.82 -12.02 -6.34
C SER A 310 38.35 -12.45 -6.31
N ALA A 311 37.97 -13.33 -7.23
CA ALA A 311 36.61 -13.84 -7.34
C ALA A 311 36.21 -14.63 -6.09
N GLU A 312 34.91 -14.64 -5.79
CA GLU A 312 34.30 -15.26 -4.62
C GLU A 312 34.76 -14.69 -3.26
N GLU A 313 35.43 -13.54 -3.24
CA GLU A 313 35.50 -12.71 -2.04
C GLU A 313 34.13 -12.14 -1.69
N ALA A 314 33.80 -12.07 -0.41
CA ALA A 314 32.49 -11.68 0.08
C ALA A 314 32.53 -10.84 1.37
N ALA A 315 31.41 -10.16 1.66
CA ALA A 315 31.20 -9.38 2.85
C ALA A 315 29.78 -9.57 3.40
N LEU A 316 29.64 -9.74 4.71
CA LEU A 316 28.37 -9.90 5.40
C LEU A 316 27.97 -8.64 6.14
N LEU A 317 26.71 -8.23 5.94
CA LEU A 317 26.02 -7.25 6.75
C LEU A 317 24.84 -7.93 7.42
N GLU A 318 24.74 -7.88 8.74
CA GLU A 318 23.80 -8.67 9.54
C GLU A 318 22.92 -7.76 10.40
N SER A 319 21.61 -8.00 10.46
CA SER A 319 20.69 -7.23 11.29
C SER A 319 20.90 -7.47 12.79
N ARG A 320 20.16 -6.68 13.57
CA ARG A 320 20.12 -6.96 15.02
C ARG A 320 19.09 -8.08 15.17
N ILE A 321 19.02 -8.71 16.33
CA ILE A 321 18.12 -9.85 16.58
C ILE A 321 16.68 -9.34 16.68
N LEU A 322 15.76 -10.01 16.00
CA LEU A 322 14.35 -9.66 15.90
C LEU A 322 13.48 -10.77 16.47
N TYR A 323 12.36 -10.40 17.08
CA TYR A 323 11.41 -11.29 17.71
C TYR A 323 10.07 -11.23 16.96
N PRO A 324 9.82 -12.09 15.96
CA PRO A 324 8.59 -12.05 15.19
C PRO A 324 7.38 -12.44 16.03
N LYS A 325 6.26 -11.77 15.81
CA LYS A 325 4.95 -12.08 16.41
C LYS A 325 4.09 -12.98 15.52
N ARG A 326 4.33 -13.03 14.21
CA ARG A 326 3.63 -13.88 13.22
C ARG A 326 4.60 -14.79 12.48
N LYS A 327 4.09 -15.86 11.89
CA LYS A 327 4.90 -16.93 11.26
C LYS A 327 5.35 -16.64 9.82
N GLN A 328 5.02 -15.48 9.26
CA GLN A 328 5.46 -15.04 7.93
C GLN A 328 5.82 -13.55 7.96
N GLN A 329 6.89 -13.17 7.28
CA GLN A 329 7.36 -11.81 7.19
C GLN A 329 7.82 -11.49 5.76
N CYS A 330 7.82 -10.22 5.39
CA CYS A 330 8.28 -9.73 4.11
C CYS A 330 9.40 -8.70 4.29
N LEU A 331 10.53 -8.92 3.66
CA LEU A 331 11.66 -8.02 3.65
C LEU A 331 11.71 -7.31 2.30
N GLN A 332 11.52 -5.99 2.31
CA GLN A 332 11.61 -5.08 1.18
C GLN A 332 12.92 -4.30 1.24
N PHE A 333 13.63 -4.11 0.13
CA PHE A 333 14.77 -3.22 0.07
C PHE A 333 15.04 -2.71 -1.34
N PHE A 334 15.85 -1.66 -1.44
CA PHE A 334 16.31 -1.10 -2.70
C PHE A 334 17.79 -1.38 -2.89
N TYR A 335 18.17 -1.71 -4.10
CA TYR A 335 19.52 -2.11 -4.45
C TYR A 335 19.89 -1.72 -5.87
N LYS A 336 21.18 -1.77 -6.17
CA LYS A 336 21.73 -1.50 -7.49
C LYS A 336 22.97 -2.37 -7.70
N MET A 337 23.23 -2.80 -8.91
CA MET A 337 24.35 -3.70 -9.25
C MET A 337 25.03 -3.25 -10.55
N THR A 338 26.05 -2.41 -10.44
CA THR A 338 26.77 -1.85 -11.59
C THR A 338 27.98 -2.68 -12.03
N GLY A 339 28.29 -3.76 -11.34
CA GLY A 339 29.54 -4.52 -11.50
C GLY A 339 29.50 -5.62 -12.56
N SER A 340 30.17 -6.74 -12.29
CA SER A 340 30.20 -7.90 -13.17
C SER A 340 28.83 -8.61 -13.19
N PRO A 341 28.37 -9.14 -14.34
CA PRO A 341 27.21 -10.02 -14.38
C PRO A 341 27.35 -11.29 -13.54
N SER A 342 28.56 -11.65 -13.10
CA SER A 342 28.85 -12.77 -12.21
C SER A 342 28.79 -12.40 -10.72
N ASP A 343 28.66 -11.13 -10.34
CA ASP A 343 28.47 -10.72 -8.95
C ASP A 343 27.15 -11.26 -8.37
N ARG A 344 27.08 -11.36 -7.02
CA ARG A 344 25.85 -11.97 -6.41
C ARG A 344 25.46 -11.42 -5.04
N LEU A 345 24.34 -10.68 -4.92
CA LEU A 345 23.79 -10.29 -3.64
C LEU A 345 22.89 -11.44 -3.17
N VAL A 346 23.11 -11.94 -1.98
CA VAL A 346 22.36 -13.07 -1.41
C VAL A 346 21.78 -12.67 -0.08
N VAL A 347 20.52 -12.99 0.16
CA VAL A 347 19.85 -12.79 1.45
C VAL A 347 19.79 -14.11 2.21
N TRP A 348 20.21 -14.06 3.47
CA TRP A 348 20.26 -15.18 4.39
C TRP A 348 19.50 -14.82 5.66
N VAL A 349 19.03 -15.81 6.40
CA VAL A 349 18.59 -15.66 7.78
C VAL A 349 19.47 -16.50 8.69
N ARG A 350 19.81 -15.97 9.85
CA ARG A 350 20.41 -16.72 10.96
C ARG A 350 19.40 -16.80 12.08
N ARG A 351 19.07 -18.02 12.51
CA ARG A 351 17.99 -18.15 13.51
C ARG A 351 18.40 -18.97 14.73
N ASP A 352 17.60 -18.90 15.79
CA ASP A 352 17.79 -19.65 17.03
C ASP A 352 17.98 -21.14 16.76
N ASP A 353 19.09 -21.71 17.23
CA ASP A 353 19.44 -23.14 17.08
C ASP A 353 18.61 -24.08 17.97
N SER A 354 17.54 -23.58 18.58
CA SER A 354 16.67 -24.20 19.57
C SER A 354 17.25 -24.31 20.98
N THR A 355 18.45 -23.78 21.23
CA THR A 355 19.01 -23.67 22.59
C THR A 355 18.91 -22.25 23.15
N GLY A 356 18.49 -21.29 22.33
CA GLY A 356 18.49 -19.87 22.64
C GLY A 356 19.60 -19.07 21.97
N ASN A 357 20.33 -19.71 21.07
CA ASN A 357 21.43 -19.04 20.33
C ASN A 357 21.07 -18.81 18.87
N VAL A 358 21.05 -17.55 18.40
CA VAL A 358 20.84 -17.24 16.96
C VAL A 358 22.14 -17.57 16.21
N ARG A 359 22.31 -18.82 15.78
CA ARG A 359 23.51 -19.22 15.02
C ARG A 359 23.19 -20.08 13.79
N LYS A 360 21.94 -20.48 13.56
CA LYS A 360 21.64 -21.41 12.44
C LYS A 360 21.37 -20.65 11.16
N LEU A 361 22.09 -20.96 10.06
CA LEU A 361 21.86 -20.30 8.77
C LEU A 361 20.82 -21.01 7.88
N VAL A 362 20.02 -20.22 7.17
CA VAL A 362 19.22 -20.60 6.00
C VAL A 362 19.43 -19.57 4.89
N LYS A 363 19.75 -20.01 3.68
CA LYS A 363 19.80 -19.16 2.47
C LYS A 363 18.40 -18.92 1.94
N VAL A 364 18.01 -17.67 1.74
CA VAL A 364 16.66 -17.32 1.32
C VAL A 364 16.55 -17.02 -0.17
N GLN A 365 17.40 -16.15 -0.70
CA GLN A 365 17.19 -15.53 -2.01
C GLN A 365 18.50 -15.04 -2.63
N THR A 366 18.62 -15.02 -3.95
CA THR A 366 19.78 -14.50 -4.69
C THR A 366 19.38 -13.48 -5.75
N PHE A 367 20.13 -12.39 -5.87
CA PHE A 367 19.99 -11.31 -6.84
C PHE A 367 21.29 -11.14 -7.63
N GLN A 368 21.13 -10.85 -8.91
CA GLN A 368 22.22 -10.83 -9.88
C GLN A 368 21.99 -9.72 -10.91
N GLY A 369 23.06 -9.16 -11.44
CA GLY A 369 23.01 -7.93 -12.25
C GLY A 369 22.58 -8.13 -13.70
N ASP A 370 22.31 -7.02 -14.37
CA ASP A 370 22.06 -6.93 -15.82
C ASP A 370 22.42 -5.50 -16.31
N ASP A 371 21.91 -5.08 -17.48
CA ASP A 371 22.20 -3.76 -18.05
C ASP A 371 21.49 -2.58 -17.35
N ASP A 372 20.52 -2.82 -16.46
CA ASP A 372 19.84 -1.73 -15.75
C ASP A 372 20.61 -1.35 -14.49
N HIS A 373 21.34 -0.25 -14.56
CA HIS A 373 22.13 0.31 -13.46
C HIS A 373 21.38 1.31 -12.59
N ASN A 374 20.07 1.50 -12.76
CA ASN A 374 19.28 2.33 -11.84
C ASN A 374 18.97 1.57 -10.55
N TRP A 375 18.43 2.23 -9.53
CA TRP A 375 17.92 1.55 -8.35
C TRP A 375 16.76 0.61 -8.71
N LYS A 376 16.73 -0.55 -8.06
CA LYS A 376 15.79 -1.64 -8.21
C LYS A 376 15.18 -1.98 -6.87
N ILE A 377 13.95 -2.47 -6.85
CA ILE A 377 13.24 -2.94 -5.66
C ILE A 377 13.27 -4.45 -5.58
N ALA A 378 13.43 -4.99 -4.38
CA ALA A 378 13.44 -6.42 -4.09
C ALA A 378 12.53 -6.75 -2.90
N HIS A 379 11.79 -7.86 -3.00
CA HIS A 379 10.97 -8.41 -1.93
C HIS A 379 11.33 -9.86 -1.67
N VAL A 380 11.47 -10.23 -0.40
CA VAL A 380 11.88 -11.56 0.04
C VAL A 380 10.97 -12.05 1.15
N VAL A 381 10.39 -13.24 1.00
CA VAL A 381 9.56 -13.86 2.04
C VAL A 381 10.45 -14.55 3.07
N LEU A 382 10.19 -14.28 4.34
CA LEU A 382 10.78 -14.96 5.49
C LEU A 382 9.66 -15.67 6.25
N LYS A 383 9.97 -16.77 6.94
CA LYS A 383 8.99 -17.62 7.63
C LYS A 383 9.47 -17.99 9.03
N GLU A 384 10.00 -17.01 9.75
CA GLU A 384 10.71 -17.24 11.01
C GLU A 384 9.72 -17.29 12.18
N GLU A 385 9.64 -18.44 12.87
CA GLU A 385 8.72 -18.65 14.01
C GLU A 385 9.37 -18.32 15.37
N GLN A 386 10.66 -18.00 15.38
CA GLN A 386 11.53 -17.76 16.52
C GLN A 386 12.52 -16.63 16.20
N LYS A 387 13.30 -16.18 17.18
CA LYS A 387 14.22 -15.06 17.00
C LYS A 387 15.28 -15.30 15.94
N PHE A 388 15.61 -14.25 15.20
CA PHE A 388 16.47 -14.32 14.01
C PHE A 388 17.15 -13.00 13.67
N ARG A 389 18.07 -13.10 12.68
CA ARG A 389 18.76 -11.92 12.11
C ARG A 389 18.78 -12.11 10.59
N TYR A 390 18.47 -11.07 9.80
CA TYR A 390 18.54 -11.08 8.34
C TYR A 390 19.89 -10.55 7.88
N LEU A 391 20.48 -11.19 6.89
CA LEU A 391 21.87 -11.02 6.46
C LEU A 391 21.92 -10.74 4.95
N PHE A 392 22.80 -9.84 4.52
CA PHE A 392 23.16 -9.60 3.12
C PHE A 392 24.61 -9.99 2.86
N GLN A 393 24.83 -10.85 1.88
CA GLN A 393 26.14 -11.24 1.38
C GLN A 393 26.35 -10.64 -0.01
N GLY A 394 27.30 -9.73 -0.15
CA GLY A 394 27.80 -9.31 -1.44
C GLY A 394 28.96 -10.20 -1.86
N THR A 395 29.09 -10.52 -3.14
CA THR A 395 30.14 -11.41 -3.65
C THR A 395 30.72 -10.89 -4.96
N LYS A 396 32.05 -10.86 -5.08
CA LYS A 396 32.75 -10.47 -6.31
C LYS A 396 32.75 -11.62 -7.30
N GLY A 397 32.51 -11.30 -8.55
CA GLY A 397 32.64 -12.31 -9.60
C GLY A 397 33.97 -12.17 -10.31
N ASP A 398 33.97 -11.65 -11.54
CA ASP A 398 35.25 -11.39 -12.24
C ASP A 398 35.59 -9.97 -11.89
N PRO A 399 36.58 -9.70 -11.04
CA PRO A 399 36.86 -8.36 -10.69
C PRO A 399 37.39 -7.53 -11.86
N GLN A 400 38.17 -8.12 -12.76
CA GLN A 400 38.72 -7.37 -13.92
C GLN A 400 37.63 -6.92 -14.89
N ASN A 401 36.59 -7.72 -15.10
CA ASN A 401 35.46 -7.26 -15.96
C ASN A 401 34.43 -6.57 -15.07
N SER A 402 34.89 -5.84 -14.05
CA SER A 402 33.96 -5.07 -13.18
C SER A 402 34.45 -3.63 -12.98
N THR A 403 33.56 -2.64 -13.12
CA THR A 403 33.93 -1.22 -12.85
C THR A 403 32.87 -0.63 -11.92
N GLY A 404 32.45 -1.39 -10.90
CA GLY A 404 31.39 -0.96 -10.01
C GLY A 404 31.19 -1.84 -8.80
N GLY A 405 29.95 -1.96 -8.32
CA GLY A 405 29.66 -2.58 -7.04
C GLY A 405 28.20 -2.92 -6.82
N ILE A 406 27.92 -3.36 -5.60
CA ILE A 406 26.61 -3.70 -5.05
C ILE A 406 26.25 -2.62 -4.04
N TYR A 407 25.05 -2.08 -4.10
CA TYR A 407 24.59 -0.93 -3.34
C TYR A 407 23.29 -1.30 -2.63
N LEU A 408 23.11 -0.88 -1.38
CA LEU A 408 21.89 -1.12 -0.59
C LEU A 408 21.41 0.14 0.12
N ASP A 409 20.09 0.34 0.14
CA ASP A 409 19.41 1.38 0.91
C ASP A 409 17.97 0.96 1.25
N ASP A 410 17.30 1.72 2.12
CA ASP A 410 15.84 1.72 2.27
C ASP A 410 15.22 0.34 2.53
N ILE A 411 15.69 -0.35 3.56
CA ILE A 411 15.11 -1.63 3.97
C ILE A 411 13.80 -1.42 4.76
N THR A 412 12.81 -2.30 4.64
CA THR A 412 11.83 -2.53 5.70
C THR A 412 11.36 -3.97 5.79
N LEU A 413 11.03 -4.41 7.00
CA LEU A 413 10.59 -5.75 7.33
C LEU A 413 9.26 -5.72 8.09
N THR A 414 8.23 -6.32 7.51
CA THR A 414 6.87 -6.32 8.03
C THR A 414 6.34 -7.74 8.19
N GLU A 415 5.51 -7.98 9.19
CA GLU A 415 4.93 -9.29 9.50
C GLU A 415 3.65 -9.52 8.70
N THR A 416 3.83 -9.56 7.38
CA THR A 416 2.80 -9.58 6.34
C THR A 416 3.30 -10.44 5.16
N PRO A 417 2.42 -10.91 4.27
CA PRO A 417 2.83 -11.45 2.98
C PRO A 417 3.56 -10.41 2.10
N CYS A 418 4.38 -10.87 1.15
CA CYS A 418 4.96 -9.99 0.13
C CYS A 418 3.99 -9.81 -1.04
N PRO A 419 4.04 -8.70 -1.79
CA PRO A 419 3.19 -8.52 -2.96
C PRO A 419 3.43 -9.61 -3.99
N THR A 420 2.36 -10.16 -4.55
CA THR A 420 2.40 -11.28 -5.49
C THR A 420 3.07 -10.92 -6.80
N GLY A 421 2.95 -9.67 -7.25
CA GLY A 421 3.64 -9.14 -8.41
C GLY A 421 4.00 -7.67 -8.22
N VAL A 422 5.12 -7.24 -8.78
CA VAL A 422 5.61 -5.86 -8.71
C VAL A 422 6.09 -5.40 -10.09
N TRP A 423 5.65 -4.21 -10.50
CA TRP A 423 5.99 -3.67 -11.85
C TRP A 423 6.57 -2.25 -11.78
N THR A 424 7.85 -2.07 -12.13
CA THR A 424 8.48 -0.75 -12.20
C THR A 424 8.40 -0.22 -13.62
N VAL A 425 7.85 0.98 -13.79
CA VAL A 425 7.82 1.69 -15.06
C VAL A 425 8.81 2.84 -14.95
N ARG A 426 9.82 2.82 -15.82
CA ARG A 426 10.94 3.78 -15.81
C ARG A 426 10.56 5.07 -16.53
N ASN A 427 11.28 6.14 -16.18
CA ASN A 427 11.08 7.47 -16.81
C ASN A 427 9.60 7.73 -16.95
N PHE A 428 8.88 7.80 -15.83
CA PHE A 428 7.43 7.87 -15.98
C PHE A 428 6.95 9.25 -16.41
N SER A 429 7.62 10.32 -16.00
CA SER A 429 7.34 11.67 -16.49
C SER A 429 7.48 11.80 -18.00
N GLN A 430 8.51 11.20 -18.57
CA GLN A 430 8.71 11.14 -20.01
C GLN A 430 7.61 10.31 -20.69
N VAL A 431 7.23 9.15 -20.12
CA VAL A 431 6.10 8.34 -20.61
C VAL A 431 4.79 9.12 -20.63
N LEU A 432 4.53 9.89 -19.56
CA LEU A 432 3.31 10.65 -19.38
C LEU A 432 3.20 11.81 -20.39
N GLU A 433 4.33 12.38 -20.80
CA GLU A 433 4.40 13.38 -21.86
C GLU A 433 4.34 12.78 -23.27
N ASN A 434 4.92 11.59 -23.50
CA ASN A 434 5.01 10.99 -24.83
C ASN A 434 3.79 10.16 -25.24
N THR A 435 3.12 9.46 -24.33
CA THR A 435 1.94 8.64 -24.66
C THR A 435 0.72 9.49 -25.01
N SER A 436 0.04 9.16 -26.11
CA SER A 436 -1.23 9.76 -26.51
C SER A 436 -2.40 9.13 -25.76
N LYS A 437 -3.55 9.81 -25.72
CA LYS A 437 -4.74 9.28 -25.03
C LYS A 437 -5.15 7.91 -25.61
N GLY A 438 -5.27 6.91 -24.74
CA GLY A 438 -5.61 5.53 -25.10
C GLY A 438 -4.42 4.64 -25.48
N ASP A 439 -3.18 5.15 -25.49
CA ASP A 439 -1.99 4.30 -25.51
C ASP A 439 -1.86 3.50 -24.20
N LYS A 440 -1.22 2.32 -24.27
CA LYS A 440 -1.07 1.45 -23.11
C LYS A 440 0.30 0.80 -22.99
N LEU A 441 0.66 0.54 -21.75
CA LEU A 441 1.81 -0.23 -21.28
C LEU A 441 1.25 -1.51 -20.65
N GLN A 442 1.95 -2.64 -20.75
CA GLN A 442 1.56 -3.87 -20.07
C GLN A 442 2.73 -4.47 -19.28
N SER A 443 2.44 -4.99 -18.09
CA SER A 443 3.43 -5.55 -17.17
C SER A 443 4.03 -6.85 -17.70
N PRO A 444 5.12 -7.35 -17.08
CA PRO A 444 5.46 -8.76 -17.12
C PRO A 444 4.31 -9.63 -16.62
N ARG A 445 4.30 -10.90 -17.01
CA ARG A 445 3.39 -11.91 -16.47
C ARG A 445 3.86 -12.35 -15.09
N PHE A 446 2.97 -12.30 -14.11
CA PHE A 446 3.14 -12.80 -12.76
C PHE A 446 2.37 -14.10 -12.58
N TYR A 447 2.61 -14.82 -11.48
CA TYR A 447 1.90 -16.03 -11.09
C TYR A 447 1.48 -15.96 -9.62
N ASN A 448 0.25 -16.34 -9.28
CA ASN A 448 -0.19 -16.42 -7.88
C ASN A 448 0.19 -17.76 -7.22
N SER A 449 -0.05 -17.87 -5.91
CA SER A 449 0.29 -19.06 -5.11
C SER A 449 -0.48 -20.31 -5.53
N GLU A 450 -1.64 -20.16 -6.18
CA GLU A 450 -2.43 -21.26 -6.73
C GLU A 450 -1.88 -21.73 -8.08
N GLY A 451 -1.24 -20.83 -8.83
CA GLY A 451 -0.65 -21.07 -10.14
C GLY A 451 -1.24 -20.25 -11.30
N TYR A 452 -2.29 -19.45 -11.10
CA TYR A 452 -2.86 -18.59 -12.13
C TYR A 452 -1.87 -17.50 -12.55
N GLY A 453 -1.78 -17.23 -13.84
CA GLY A 453 -1.02 -16.13 -14.37
C GLY A 453 -1.83 -14.83 -14.41
N PHE A 454 -1.21 -13.69 -14.15
CA PHE A 454 -1.87 -12.39 -14.21
C PHE A 454 -0.92 -11.26 -14.56
N GLY A 455 -1.47 -10.10 -14.90
CA GLY A 455 -0.72 -8.89 -15.21
C GLY A 455 -1.56 -7.62 -15.12
N VAL A 456 -0.96 -6.50 -15.50
CA VAL A 456 -1.53 -5.16 -15.40
C VAL A 456 -1.42 -4.43 -16.73
N THR A 457 -2.46 -3.70 -17.10
CA THR A 457 -2.47 -2.74 -18.22
C THR A 457 -2.58 -1.33 -17.66
N LEU A 458 -1.66 -0.47 -18.05
CA LEU A 458 -1.60 0.93 -17.65
C LEU A 458 -1.79 1.84 -18.86
N TYR A 459 -2.81 2.68 -18.84
CA TYR A 459 -3.02 3.74 -19.81
C TYR A 459 -2.63 5.05 -19.13
N PRO A 460 -1.46 5.65 -19.42
CA PRO A 460 -0.98 6.78 -18.64
C PRO A 460 -1.83 8.02 -18.86
N ASN A 461 -2.29 8.21 -20.09
CA ASN A 461 -3.21 9.25 -20.50
C ASN A 461 -4.56 8.61 -20.83
N SER A 462 -5.53 8.64 -19.91
CA SER A 462 -6.85 8.07 -20.13
C SER A 462 -7.71 8.89 -21.11
N ARG A 463 -8.49 8.20 -21.95
CA ARG A 463 -9.59 8.80 -22.76
C ARG A 463 -10.86 8.98 -21.92
N GLU A 464 -11.04 8.07 -20.98
CA GLU A 464 -12.24 7.84 -20.19
C GLU A 464 -12.36 8.81 -18.99
N SER A 465 -11.22 9.24 -18.44
CA SER A 465 -11.09 10.29 -17.42
C SER A 465 -9.87 11.16 -17.75
N SER A 466 -10.08 12.30 -18.40
CA SER A 466 -9.00 13.19 -18.84
C SER A 466 -8.20 13.76 -17.65
N GLY A 467 -6.87 13.60 -17.66
CA GLY A 467 -6.00 14.00 -16.55
C GLY A 467 -5.74 12.91 -15.48
N TYR A 468 -6.06 11.65 -15.77
CA TYR A 468 -5.86 10.51 -14.87
C TYR A 468 -5.18 9.32 -15.55
N LEU A 469 -4.61 8.44 -14.74
CA LEU A 469 -4.23 7.07 -15.12
C LEU A 469 -5.43 6.14 -15.08
N ARG A 470 -5.47 5.19 -16.01
CA ARG A 470 -6.23 3.95 -15.86
C ARG A 470 -5.27 2.81 -15.61
N LEU A 471 -5.42 2.15 -14.47
CA LEU A 471 -4.82 0.84 -14.18
C LEU A 471 -5.91 -0.22 -14.22
N ALA A 472 -5.63 -1.33 -14.89
CA ALA A 472 -6.56 -2.43 -15.00
C ALA A 472 -5.84 -3.77 -14.97
N PHE A 473 -6.49 -4.76 -14.40
CA PHE A 473 -6.01 -6.11 -14.23
C PHE A 473 -6.36 -6.96 -15.43
N HIS A 474 -5.51 -7.89 -15.81
CA HIS A 474 -5.84 -8.96 -16.74
C HIS A 474 -5.25 -10.29 -16.30
N VAL A 475 -5.93 -11.38 -16.60
CA VAL A 475 -5.41 -12.74 -16.40
C VAL A 475 -4.56 -13.13 -17.63
N CYS A 476 -3.49 -13.87 -17.42
CA CYS A 476 -2.56 -14.30 -18.47
C CYS A 476 -2.57 -15.82 -18.62
N SER A 477 -2.39 -16.34 -19.83
CA SER A 477 -2.12 -17.76 -20.01
C SER A 477 -0.78 -18.13 -19.40
N GLY A 478 -0.71 -19.30 -18.78
CA GLY A 478 0.47 -19.82 -18.11
C GLY A 478 0.53 -21.35 -18.14
N GLU A 479 1.67 -21.89 -17.74
CA GLU A 479 1.94 -23.33 -17.83
C GLU A 479 1.02 -24.20 -16.96
N ASN A 480 0.33 -23.60 -16.01
CA ASN A 480 -0.60 -24.26 -15.09
C ASN A 480 -2.06 -24.27 -15.57
N ASP A 481 -2.40 -23.61 -16.68
CA ASP A 481 -3.81 -23.34 -17.04
C ASP A 481 -4.68 -24.60 -17.09
N ALA A 482 -4.07 -25.72 -17.45
CA ALA A 482 -4.73 -27.00 -17.66
C ALA A 482 -5.36 -27.59 -16.39
N ILE A 483 -4.74 -27.43 -15.23
CA ILE A 483 -5.21 -28.04 -13.98
C ILE A 483 -6.11 -27.09 -13.17
N LEU A 484 -6.02 -25.79 -13.41
CA LEU A 484 -6.74 -24.75 -12.68
C LEU A 484 -8.23 -24.70 -13.00
N GLU A 485 -9.03 -24.22 -12.04
CA GLU A 485 -10.47 -24.00 -12.20
C GLU A 485 -10.74 -22.77 -13.06
N TRP A 486 -11.72 -22.86 -13.97
CA TRP A 486 -12.15 -21.75 -14.83
C TRP A 486 -13.69 -21.61 -14.86
N PRO A 487 -14.25 -20.40 -14.92
CA PRO A 487 -13.55 -19.11 -14.89
C PRO A 487 -13.00 -18.82 -13.50
N VAL A 488 -11.96 -18.00 -13.40
CA VAL A 488 -11.40 -17.67 -12.09
C VAL A 488 -12.34 -16.71 -11.39
N GLU A 489 -12.84 -17.12 -10.22
CA GLU A 489 -13.88 -16.45 -9.45
C GLU A 489 -13.51 -16.47 -7.98
N ASN A 490 -14.11 -15.61 -7.17
CA ASN A 490 -13.84 -15.47 -5.73
C ASN A 490 -12.37 -15.16 -5.39
N ARG A 491 -11.65 -14.66 -6.40
CA ARG A 491 -10.22 -14.27 -6.20
C ARG A 491 -10.12 -12.74 -6.15
N GLN A 492 -9.85 -12.18 -4.96
CA GLN A 492 -9.70 -10.75 -4.77
C GLN A 492 -8.44 -10.26 -5.45
N VAL A 493 -8.55 -9.16 -6.19
CA VAL A 493 -7.43 -8.41 -6.72
C VAL A 493 -7.23 -7.20 -5.84
N ILE A 494 -6.00 -6.96 -5.40
CA ILE A 494 -5.59 -5.70 -4.80
C ILE A 494 -4.51 -5.10 -5.68
N ILE A 495 -4.72 -3.89 -6.20
CA ILE A 495 -3.71 -3.11 -6.92
C ILE A 495 -3.31 -1.93 -6.05
N THR A 496 -2.03 -1.64 -5.93
CA THR A 496 -1.49 -0.57 -5.10
C THR A 496 -0.39 0.20 -5.80
N ILE A 497 -0.41 1.53 -5.77
CA ILE A 497 0.72 2.36 -6.18
C ILE A 497 1.53 2.69 -4.95
N LEU A 498 2.78 2.25 -4.93
CA LEU A 498 3.66 2.37 -3.78
C LEU A 498 4.08 3.82 -3.54
N ASP A 499 3.98 4.26 -2.30
CA ASP A 499 4.39 5.60 -1.86
C ASP A 499 5.92 5.80 -1.78
N GLN A 500 6.73 4.75 -1.77
CA GLN A 500 8.21 4.71 -1.77
C GLN A 500 8.93 5.34 -0.56
N GLU A 501 8.22 5.93 0.38
CA GLU A 501 8.73 6.32 1.70
C GLU A 501 9.21 5.10 2.52
N PRO A 502 10.38 5.11 3.18
CA PRO A 502 10.95 3.89 3.75
C PRO A 502 10.24 3.35 4.98
N ASP A 503 9.50 4.19 5.72
CA ASP A 503 8.74 3.83 6.91
C ASP A 503 7.27 3.70 6.57
N VAL A 504 6.70 2.52 6.80
CA VAL A 504 5.33 2.17 6.42
C VAL A 504 4.29 3.09 7.06
N ARG A 505 4.59 3.66 8.23
CA ARG A 505 3.69 4.58 8.93
C ARG A 505 3.47 5.84 8.11
N ASN A 506 4.53 6.35 7.50
CA ASN A 506 4.56 7.57 6.70
C ASN A 506 4.03 7.41 5.27
N ARG A 507 3.71 6.18 4.86
CA ARG A 507 3.27 5.93 3.44
C ARG A 507 1.76 6.13 3.23
N MET A 508 1.35 6.70 2.10
CA MET A 508 -0.07 6.80 1.75
C MET A 508 -0.37 6.11 0.41
N SER A 509 -0.08 4.82 0.31
CA SER A 509 -0.12 4.09 -0.95
C SER A 509 -1.54 3.96 -1.51
N SER A 510 -1.81 4.52 -2.69
CA SER A 510 -3.13 4.42 -3.32
C SER A 510 -3.48 2.97 -3.60
N SER A 511 -4.67 2.52 -3.22
CA SER A 511 -5.07 1.12 -3.25
C SER A 511 -6.49 0.95 -3.77
N MET A 512 -6.75 -0.08 -4.56
CA MET A 512 -8.07 -0.41 -5.12
C MET A 512 -8.28 -1.93 -5.12
N VAL A 513 -9.52 -2.37 -4.97
CA VAL A 513 -9.88 -3.78 -4.73
C VAL A 513 -11.10 -4.16 -5.55
N PHE A 514 -11.11 -5.35 -6.14
CA PHE A 514 -12.30 -6.00 -6.67
C PHE A 514 -12.20 -7.51 -6.46
N THR A 515 -13.31 -8.24 -6.54
CA THR A 515 -13.30 -9.70 -6.58
C THR A 515 -13.79 -10.21 -7.92
N THR A 516 -13.05 -11.13 -8.52
CA THR A 516 -13.44 -11.80 -9.77
C THR A 516 -14.79 -12.50 -9.64
N SER A 517 -15.67 -12.29 -10.61
CA SER A 517 -17.09 -12.64 -10.51
C SER A 517 -17.66 -13.17 -11.82
N LYS A 518 -18.71 -14.00 -11.74
CA LYS A 518 -19.55 -14.40 -12.87
C LYS A 518 -20.19 -13.23 -13.62
N SER A 519 -20.49 -12.14 -12.91
CA SER A 519 -21.13 -10.95 -13.46
C SER A 519 -20.25 -10.13 -14.40
N HIS A 520 -18.95 -10.42 -14.48
CA HIS A 520 -18.03 -9.73 -15.40
C HIS A 520 -18.09 -10.37 -16.79
N THR A 521 -18.98 -9.88 -17.66
CA THR A 521 -19.23 -10.41 -19.01
C THR A 521 -19.08 -9.32 -20.07
N SER A 522 -18.66 -9.67 -21.29
CA SER A 522 -18.50 -8.72 -22.40
C SER A 522 -18.75 -9.34 -23.77
N VAL A 529 -17.95 -15.03 -19.39
CA VAL A 529 -17.24 -14.50 -18.22
C VAL A 529 -15.82 -14.10 -18.61
N ILE A 530 -15.43 -12.86 -18.33
CA ILE A 530 -14.15 -12.27 -18.74
C ILE A 530 -12.96 -13.09 -18.22
N TRP A 531 -13.14 -13.74 -17.08
CA TRP A 531 -12.17 -14.57 -16.38
C TRP A 531 -12.12 -16.05 -16.81
N ASP A 532 -12.73 -16.44 -17.93
CA ASP A 532 -12.55 -17.77 -18.50
C ASP A 532 -11.11 -17.96 -19.03
N ARG A 533 -10.71 -19.18 -19.38
CA ARG A 533 -9.32 -19.51 -19.73
C ARG A 533 -8.82 -18.60 -20.84
N PRO A 534 -7.69 -17.89 -20.70
CA PRO A 534 -7.30 -16.83 -21.64
C PRO A 534 -7.11 -17.24 -23.10
N SER A 535 -6.89 -18.51 -23.42
CA SER A 535 -6.89 -18.99 -24.80
C SER A 535 -8.25 -18.85 -25.49
N ARG A 536 -9.35 -18.87 -24.72
CA ARG A 536 -10.71 -18.83 -25.34
C ARG A 536 -11.29 -17.41 -25.32
N VAL A 537 -10.86 -16.56 -24.37
CA VAL A 537 -11.45 -15.22 -24.20
C VAL A 537 -10.43 -14.08 -24.23
N GLY A 538 -9.19 -14.35 -24.59
CA GLY A 538 -8.08 -13.41 -24.58
C GLY A 538 -7.42 -13.23 -25.94
N THR A 539 -6.56 -12.21 -26.01
CA THR A 539 -5.80 -11.81 -27.20
C THR A 539 -4.34 -12.21 -27.02
N TYR A 540 -3.72 -12.81 -28.03
CA TYR A 540 -2.30 -13.16 -28.04
C TYR A 540 -1.40 -11.93 -28.22
N HIS A 541 -0.31 -11.84 -27.47
CA HIS A 541 0.72 -10.80 -27.55
C HIS A 541 2.13 -11.42 -27.64
N THR A 542 2.99 -10.81 -28.44
CA THR A 542 4.35 -11.30 -28.73
C THR A 542 5.42 -10.86 -27.72
N ASP A 543 5.14 -9.96 -26.78
CA ASP A 543 6.08 -9.58 -25.72
C ASP A 543 6.16 -10.63 -24.61
N CYS A 544 5.01 -11.07 -24.08
CA CYS A 544 4.91 -12.18 -23.13
C CYS A 544 4.91 -13.56 -23.80
N ASN A 545 4.70 -13.62 -25.13
CA ASN A 545 4.40 -14.84 -25.88
C ASN A 545 3.21 -15.59 -25.25
N CYS A 546 2.11 -14.87 -25.01
CA CYS A 546 1.00 -15.34 -24.19
C CYS A 546 -0.34 -14.72 -24.61
N PHE A 547 -1.45 -15.33 -24.20
CA PHE A 547 -2.76 -14.68 -24.21
C PHE A 547 -2.95 -13.80 -22.97
N ARG A 548 -3.64 -12.66 -23.16
CA ARG A 548 -4.00 -11.78 -22.03
C ARG A 548 -5.51 -11.47 -22.12
N SER A 549 -6.24 -11.57 -21.01
CA SER A 549 -7.69 -11.30 -20.96
C SER A 549 -8.03 -9.86 -21.36
N ILE A 550 -9.31 -9.59 -21.60
CA ILE A 550 -9.86 -8.24 -21.51
C ILE A 550 -9.47 -7.66 -20.14
N ASP A 551 -9.03 -6.40 -20.12
CA ASP A 551 -8.68 -5.71 -18.89
C ASP A 551 -9.93 -5.23 -18.14
N LEU A 552 -9.90 -5.29 -16.82
CA LEU A 552 -10.94 -4.79 -15.93
C LEU A 552 -10.28 -4.03 -14.78
N GLY A 553 -10.82 -2.86 -14.45
CA GLY A 553 -10.22 -1.98 -13.48
C GLY A 553 -10.82 -0.59 -13.57
N TRP A 554 -10.03 0.41 -13.18
CA TRP A 554 -10.56 1.74 -12.88
C TRP A 554 -9.97 2.80 -13.78
N SER A 555 -10.81 3.46 -14.57
CA SER A 555 -10.46 4.79 -15.08
C SER A 555 -10.45 5.77 -13.91
N GLY A 556 -9.46 6.64 -13.83
CA GLY A 556 -9.36 7.52 -12.68
C GLY A 556 -8.89 6.80 -11.42
N PHE A 557 -7.88 5.93 -11.55
CA PHE A 557 -7.25 5.27 -10.41
C PHE A 557 -6.54 6.28 -9.51
N ILE A 558 -5.82 7.20 -10.15
CA ILE A 558 -5.11 8.32 -9.55
C ILE A 558 -5.00 9.42 -10.61
N SER A 559 -5.03 10.67 -10.17
CA SER A 559 -4.82 11.82 -11.05
C SER A 559 -3.35 12.04 -11.32
N HIS A 560 -3.02 12.66 -12.47
CA HIS A 560 -1.64 13.05 -12.77
C HIS A 560 -1.09 14.01 -11.71
N GLN A 561 -1.93 14.88 -11.16
CA GLN A 561 -1.56 15.82 -10.12
C GLN A 561 -1.16 15.12 -8.83
N MET A 562 -1.87 14.07 -8.43
CA MET A 562 -1.55 13.32 -7.22
C MET A 562 -0.23 12.53 -7.38
N LEU A 563 0.04 11.94 -8.54
CA LEU A 563 1.32 11.27 -8.79
C LEU A 563 2.52 12.21 -8.71
N LYS A 564 2.38 13.45 -9.17
CA LYS A 564 3.46 14.45 -9.14
C LYS A 564 3.78 14.99 -7.74
N ARG A 565 3.08 14.55 -6.69
CA ARG A 565 3.40 14.84 -5.28
C ARG A 565 3.76 13.58 -4.47
N ARG A 566 4.06 13.81 -3.18
CA ARG A 566 4.45 12.71 -2.26
C ARG A 566 5.72 12.02 -2.75
N SER A 567 5.68 10.70 -2.91
CA SER A 567 6.83 9.90 -3.30
C SER A 567 6.43 8.75 -4.25
N PHE A 568 5.27 8.89 -4.93
CA PHE A 568 4.81 7.96 -5.96
C PHE A 568 5.75 7.85 -7.16
N LEU A 569 6.37 8.96 -7.60
CA LEU A 569 7.30 9.00 -8.74
C LEU A 569 8.74 9.32 -8.33
N LYS A 570 9.17 8.89 -7.14
CA LYS A 570 10.57 9.04 -6.69
C LYS A 570 11.53 8.42 -7.72
N ASN A 571 12.66 9.07 -7.98
CA ASN A 571 13.61 8.72 -9.03
C ASN A 571 13.04 8.70 -10.47
N ASP A 572 11.86 9.27 -10.70
CA ASP A 572 11.04 9.09 -11.92
C ASP A 572 10.67 7.63 -12.24
N ASP A 573 10.62 6.78 -11.22
CA ASP A 573 10.17 5.40 -11.28
C ASP A 573 8.78 5.28 -10.66
N LEU A 574 7.83 4.68 -11.38
CA LEU A 574 6.52 4.31 -10.84
C LEU A 574 6.57 2.84 -10.45
N ILE A 575 6.17 2.50 -9.22
CA ILE A 575 6.14 1.12 -8.73
C ILE A 575 4.70 0.73 -8.34
N ILE A 576 4.18 -0.30 -8.99
CA ILE A 576 2.84 -0.86 -8.78
C ILE A 576 2.98 -2.25 -8.18
N PHE A 577 2.22 -2.55 -7.12
CA PHE A 577 2.10 -3.83 -6.47
C PHE A 577 0.75 -4.47 -6.78
N VAL A 578 0.71 -5.79 -6.89
CA VAL A 578 -0.51 -6.57 -7.17
C VAL A 578 -0.56 -7.81 -6.29
N ASP A 579 -1.73 -8.10 -5.74
CA ASP A 579 -2.09 -9.40 -5.19
C ASP A 579 -3.32 -9.97 -5.89
N PHE A 580 -3.36 -11.28 -6.05
CA PHE A 580 -4.46 -12.02 -6.65
C PHE A 580 -4.72 -13.30 -5.84
N GLU A 581 -5.61 -13.22 -4.87
CA GLU A 581 -5.73 -14.18 -3.76
C GLU A 581 -7.15 -14.71 -3.61
N ASP A 582 -7.32 -16.00 -3.38
CA ASP A 582 -8.63 -16.61 -3.11
C ASP A 582 -9.21 -16.13 -1.79
N ILE A 583 -10.48 -15.74 -1.77
CA ILE A 583 -11.22 -15.38 -0.54
C ILE A 583 -12.43 -16.27 -0.29
N THR A 584 -12.56 -17.40 -0.98
CA THR A 584 -13.66 -18.36 -0.80
C THR A 584 -13.79 -18.88 0.64
N HIS A 585 -12.70 -18.97 1.39
CA HIS A 585 -12.72 -19.36 2.80
C HIS A 585 -13.48 -18.40 3.72
N LEU A 586 -13.73 -17.15 3.29
CA LEU A 586 -14.57 -16.19 4.00
C LEU A 586 -16.08 -16.40 3.78
N SER A 587 -16.49 -17.33 2.91
CA SER A 587 -17.90 -17.65 2.62
C SER A 587 -18.59 -18.31 3.81
C1 NAG B . -27.82 -3.60 13.99
C2 NAG B . -28.53 -3.38 15.33
C3 NAG B . -29.68 -4.36 15.49
C4 NAG B . -30.65 -4.20 14.34
C5 NAG B . -29.89 -4.40 13.03
C6 NAG B . -30.78 -4.14 11.84
C7 NAG B . -26.67 -4.40 16.59
C8 NAG B . -25.38 -3.87 17.11
N2 NAG B . -27.63 -3.48 16.45
O3 NAG B . -30.34 -4.14 16.74
O4 NAG B . -31.72 -5.15 14.45
O5 NAG B . -28.80 -3.47 12.97
O6 NAG B . -31.19 -2.77 11.84
O7 NAG B . -26.83 -5.58 16.34
C1 NAG B . -32.97 -4.46 14.61
C2 NAG B . -34.11 -5.27 14.00
C3 NAG B . -35.40 -4.48 14.13
C4 NAG B . -35.63 -4.16 15.59
C5 NAG B . -34.44 -3.40 16.14
C6 NAG B . -34.62 -3.15 17.63
C7 NAG B . -33.34 -6.70 12.20
C8 NAG B . -33.33 -6.94 10.72
N2 NAG B . -33.87 -5.55 12.59
O3 NAG B . -36.49 -5.27 13.63
O4 NAG B . -36.81 -3.37 15.73
O5 NAG B . -33.25 -4.17 15.97
O6 NAG B . -34.58 -4.40 18.32
O7 NAG B . -32.87 -7.50 12.99
C1 NAG C . -22.46 25.31 -12.98
C2 NAG C . -23.57 25.71 -13.93
C3 NAG C . -22.99 25.92 -15.31
C4 NAG C . -21.97 27.03 -15.20
C5 NAG C . -20.89 26.59 -14.22
C6 NAG C . -19.79 27.64 -14.07
C7 NAG C . -25.77 24.89 -13.39
C8 NAG C . -26.77 23.78 -13.52
N2 NAG C . -24.61 24.70 -14.00
O3 NAG C . -24.04 26.26 -16.21
O4 NAG C . -21.41 27.32 -16.49
O5 NAG C . -21.51 26.38 -12.95
O6 NAG C . -20.35 28.88 -13.65
O7 NAG C . -25.99 25.90 -12.75
C1 NAG C . -21.77 28.67 -16.85
C2 NAG C . -21.01 29.10 -18.09
C3 NAG C . -21.41 30.53 -18.45
C4 NAG C . -22.92 30.63 -18.59
C5 NAG C . -23.60 30.14 -17.32
C6 NAG C . -25.11 30.14 -17.49
C7 NAG C . -18.87 27.97 -18.09
C8 NAG C . -17.44 28.03 -17.61
N2 NAG C . -19.59 29.06 -17.87
O3 NAG C . -20.79 30.88 -19.69
O4 NAG C . -23.28 32.00 -18.82
O5 NAG C . -23.18 28.81 -17.02
O6 NAG C . -25.46 29.11 -18.42
O7 NAG C . -19.32 26.98 -18.64
C1 NAG D . 32.19 -8.41 -19.46
C2 NAG D . 31.69 -9.64 -20.19
C3 NAG D . 30.71 -9.23 -21.28
C4 NAG D . 29.57 -8.44 -20.65
C5 NAG D . 30.15 -7.25 -19.90
C6 NAG D . 29.09 -6.44 -19.20
C7 NAG D . 33.44 -11.33 -20.19
C8 NAG D . 34.79 -11.66 -20.73
N2 NAG D . 32.79 -10.34 -20.81
O3 NAG D . 30.21 -10.40 -21.93
O4 NAG D . 28.68 -7.99 -21.68
O5 NAG D . 31.09 -7.71 -18.93
O6 NAG D . 29.43 -6.39 -17.81
O7 NAG D . 32.94 -11.91 -19.23
C1 NAG D . 27.37 -8.53 -21.44
C2 NAG D . 26.29 -7.65 -22.06
C3 NAG D . 24.93 -8.23 -21.72
C4 NAG D . 24.85 -9.66 -22.21
C5 NAG D . 25.99 -10.47 -21.59
C6 NAG D . 26.02 -11.91 -22.09
C7 NAG D . 27.04 -5.35 -22.16
C8 NAG D . 27.07 -4.01 -21.47
N2 NAG D . 26.36 -6.30 -21.53
O3 NAG D . 23.93 -7.43 -22.36
O4 NAG D . 23.60 -10.22 -21.80
O5 NAG D . 27.24 -9.87 -21.91
O6 NAG D . 26.32 -11.90 -23.49
O7 NAG D . 27.60 -5.55 -23.23
C1 BMA D . 22.82 -10.61 -22.95
C2 BMA D . 21.43 -11.05 -22.49
C3 BMA D . 20.61 -11.50 -23.69
C4 BMA D . 20.57 -10.38 -24.71
C5 BMA D . 21.99 -9.96 -25.09
C6 BMA D . 21.97 -8.79 -26.05
O2 BMA D . 20.79 -9.95 -21.83
O3 BMA D . 19.29 -11.82 -23.27
O4 BMA D . 19.87 -10.83 -25.88
O5 BMA D . 22.72 -9.58 -23.93
O6 BMA D . 23.31 -8.37 -26.30
C1 FUC D . 29.85 -5.05 -17.51
C2 FUC D . 28.61 -4.19 -17.29
C3 FUC D . 29.01 -2.76 -16.94
C4 FUC D . 30.06 -2.78 -15.82
C5 FUC D . 31.26 -3.69 -16.08
C6 FUC D . 32.24 -3.18 -17.13
O2 FUC D . 27.84 -4.74 -16.23
O3 FUC D . 29.47 -2.07 -18.10
O4 FUC D . 30.49 -1.44 -15.57
O5 FUC D . 30.80 -5.00 -16.45
C1 NAG E . 15.44 7.81 -19.09
C2 NAG E . 16.17 6.59 -19.61
C3 NAG E . 17.66 6.79 -19.43
C4 NAG E . 18.11 8.07 -20.10
C5 NAG E . 17.30 9.24 -19.55
C6 NAG E . 17.62 10.55 -20.26
C7 NAG E . 14.92 4.52 -19.35
C8 NAG E . 15.23 3.09 -19.02
N2 NAG E . 15.78 5.41 -18.87
O3 NAG E . 18.36 5.67 -19.98
O4 NAG E . 19.49 8.27 -19.78
O5 NAG E . 15.90 8.98 -19.74
O6 NAG E . 17.34 10.42 -21.66
O7 NAG E . 13.95 4.83 -20.02
C1 NAG E . 20.30 8.37 -20.97
C2 NAG E . 21.57 9.13 -20.68
C3 NAG E . 22.38 9.28 -21.96
C4 NAG E . 22.65 7.90 -22.53
C5 NAG E . 21.33 7.18 -22.77
C6 NAG E . 21.58 5.77 -23.29
C7 NAG E . 21.27 10.70 -18.84
C8 NAG E . 20.94 12.11 -18.45
N2 NAG E . 21.29 10.45 -20.15
O3 NAG E . 23.62 9.92 -21.67
O4 NAG E . 23.34 8.04 -23.77
O5 NAG E . 20.60 7.09 -21.54
O6 NAG E . 22.22 4.99 -22.27
O7 NAG E . 21.50 9.83 -18.01
CA CA F . 33.53 -8.43 7.21
ZN ZN G . -17.89 9.66 8.25
CA CA H . 20.06 6.10 2.58
#